data_8ZVO
#
_entry.id   8ZVO
#
_cell.length_a   50.700
_cell.length_b   55.790
_cell.length_c   52.870
_cell.angle_alpha   90.000
_cell.angle_beta   115.940
_cell.angle_gamma   90.000
#
_symmetry.space_group_name_H-M   'P 1 21 1'
#
loop_
_entity.id
_entity.type
_entity.pdbx_description
1 polymer 'Probable esterase KAI2'
2 non-polymer GLYCEROL
3 non-polymer 'SULFATE ION'
4 water water
#
_entity_poly.entity_id   1
_entity_poly.type   'polypeptide(L)'
_entity_poly.pdbx_seq_one_letter_code
;MGVVEEAHNVKVIGSGEATIVLGHGFGTDQSVWKHLVPHLVDDYRVVLYDNMGAGTTNPDYFDFDRYSNLEGYSFDLIAI
LEDLKIESCIFVGHSVSAMIGVLASLNRPDLFSKIVMISASPRYVNDVDYQGGFEQEDLNQLFEAIRSNYKAWCLGFAPL
AVGGDMDSIAVQEFSRTLFNMRPDIALSVGQTIFQSDMRQILPFVTVPCHILQSVKDLAVPVVVSEYLHANLGCESVVEV
IPSDGHLPQLSSPDSVIPVILRHIRNDIAMENLYFQ
;
_entity_poly.pdbx_strand_id   A
#
loop_
_chem_comp.id
_chem_comp.type
_chem_comp.name
_chem_comp.formula
GOL non-polymer GLYCEROL 'C3 H8 O3'
SO4 non-polymer 'SULFATE ION' 'O4 S -2'
#
# COMPACT_ATOMS: atom_id res chain seq x y z
N MET A 1 -8.78 23.53 -2.14
CA MET A 1 -8.65 22.61 -3.26
C MET A 1 -9.86 21.68 -3.21
N GLY A 2 -10.66 21.86 -2.17
CA GLY A 2 -11.80 20.98 -1.98
C GLY A 2 -11.50 20.07 -0.80
N VAL A 3 -12.56 19.73 -0.06
CA VAL A 3 -12.38 19.03 1.22
C VAL A 3 -11.72 17.67 1.01
N VAL A 4 -12.08 16.93 -0.03
CA VAL A 4 -11.52 15.60 -0.19
C VAL A 4 -10.03 15.70 -0.46
N GLU A 5 -9.63 16.63 -1.32
N GLU A 5 -9.61 16.67 -1.25
CA GLU A 5 -8.23 16.81 -1.66
CA GLU A 5 -8.20 16.74 -1.62
C GLU A 5 -7.42 17.32 -0.49
C GLU A 5 -7.36 17.30 -0.47
N GLU A 6 -7.97 18.26 0.30
N GLU A 6 -7.92 18.25 0.28
CA GLU A 6 -7.26 18.71 1.48
CA GLU A 6 -7.25 18.73 1.48
C GLU A 6 -7.12 17.57 2.47
C GLU A 6 -7.15 17.63 2.54
N ALA A 7 -8.21 16.84 2.70
CA ALA A 7 -8.24 15.83 3.75
C ALA A 7 -7.26 14.70 3.49
N HIS A 8 -7.00 14.38 2.23
CA HIS A 8 -6.08 13.33 1.85
C HIS A 8 -4.73 13.87 1.40
N ASN A 9 -4.46 15.15 1.61
CA ASN A 9 -3.17 15.73 1.24
C ASN A 9 -2.82 15.43 -0.23
N VAL A 10 -3.80 15.56 -1.11
CA VAL A 10 -3.60 15.25 -2.53
C VAL A 10 -2.63 16.23 -3.15
N LYS A 11 -1.66 15.70 -3.90
CA LYS A 11 -0.73 16.49 -4.69
C LYS A 11 -0.81 16.02 -6.14
N VAL A 12 -0.86 16.95 -7.07
CA VAL A 12 -0.88 16.64 -8.51
C VAL A 12 0.31 17.35 -9.13
N ILE A 13 1.19 16.59 -9.77
CA ILE A 13 2.41 17.12 -10.36
C ILE A 13 2.39 16.81 -11.85
N GLY A 14 2.23 17.85 -12.68
CA GLY A 14 2.18 17.68 -14.11
C GLY A 14 0.76 17.68 -14.65
N SER A 15 0.67 17.60 -15.97
CA SER A 15 -0.61 17.60 -16.66
C SER A 15 -0.56 16.59 -17.79
N GLY A 16 -1.67 16.47 -18.51
CA GLY A 16 -1.77 15.56 -19.62
C GLY A 16 -2.59 14.33 -19.27
N GLU A 17 -2.90 13.57 -20.31
CA GLU A 17 -3.76 12.41 -20.15
C GLU A 17 -3.07 11.31 -19.36
N ALA A 18 -1.82 11.01 -19.70
CA ALA A 18 -1.12 9.88 -19.09
C ALA A 18 -0.88 10.16 -17.61
N THR A 19 -1.51 9.35 -16.75
CA THR A 19 -1.63 9.67 -15.33
C THR A 19 -1.28 8.46 -14.50
N ILE A 20 -0.50 8.69 -13.44
CA ILE A 20 -0.14 7.66 -12.48
C ILE A 20 -0.52 8.12 -11.09
N VAL A 21 -1.19 7.24 -10.35
CA VAL A 21 -1.69 7.52 -9.00
C VAL A 21 -1.00 6.54 -8.08
N LEU A 22 -0.42 7.05 -6.98
N LEU A 22 -0.39 7.07 -7.00
CA LEU A 22 0.39 6.22 -6.09
CA LEU A 22 0.39 6.27 -6.07
C LEU A 22 -0.19 6.21 -4.68
C LEU A 22 -0.30 6.22 -4.70
N GLY A 23 -0.54 5.03 -4.19
CA GLY A 23 -1.14 4.84 -2.87
C GLY A 23 -0.22 4.08 -1.93
N HIS A 24 -0.13 4.55 -0.68
CA HIS A 24 0.88 4.06 0.24
C HIS A 24 0.32 3.00 1.19
N GLY A 25 1.24 2.38 1.94
CA GLY A 25 0.87 1.32 2.87
C GLY A 25 0.69 1.79 4.30
N PHE A 26 0.33 0.84 5.15
CA PHE A 26 0.14 1.11 6.57
C PHE A 26 1.40 1.69 7.20
N GLY A 27 1.21 2.72 8.03
CA GLY A 27 2.29 3.24 8.84
C GLY A 27 3.18 4.24 8.16
N THR A 28 3.02 4.44 6.85
CA THR A 28 3.79 5.45 6.14
C THR A 28 2.84 6.48 5.50
N ASP A 29 3.32 7.28 4.57
CA ASP A 29 2.47 8.23 3.87
C ASP A 29 3.04 8.40 2.45
N GLN A 30 2.56 9.41 1.73
CA GLN A 30 2.98 9.57 0.33
C GLN A 30 4.50 9.79 0.21
N SER A 31 5.17 10.15 1.30
CA SER A 31 6.62 10.31 1.26
C SER A 31 7.34 9.02 0.93
N VAL A 32 6.66 7.88 1.06
CA VAL A 32 7.30 6.60 0.72
C VAL A 32 7.72 6.56 -0.73
N TRP A 33 7.12 7.40 -1.57
CA TRP A 33 7.38 7.43 -3.01
C TRP A 33 8.50 8.37 -3.41
N LYS A 34 9.24 8.92 -2.43
CA LYS A 34 10.16 10.03 -2.71
C LYS A 34 11.23 9.68 -3.73
N HIS A 35 11.64 8.41 -3.83
CA HIS A 35 12.67 8.07 -4.82
C HIS A 35 12.10 7.63 -6.15
N LEU A 36 10.78 7.40 -6.23
CA LEU A 36 10.16 7.02 -7.48
C LEU A 36 9.65 8.21 -8.27
N VAL A 37 8.98 9.15 -7.60
CA VAL A 37 8.32 10.28 -8.26
C VAL A 37 9.28 11.06 -9.17
N PRO A 38 10.56 11.29 -8.81
CA PRO A 38 11.41 12.07 -9.72
C PRO A 38 11.51 11.49 -11.10
N HIS A 39 11.39 10.17 -11.24
CA HIS A 39 11.53 9.49 -12.53
C HIS A 39 10.22 9.38 -13.30
N LEU A 40 9.13 9.87 -12.73
CA LEU A 40 7.82 9.80 -13.38
C LEU A 40 7.33 11.15 -13.90
N VAL A 41 7.77 12.26 -13.30
CA VAL A 41 7.09 13.53 -13.53
C VAL A 41 7.30 14.09 -14.94
N ASP A 42 8.33 13.63 -15.66
CA ASP A 42 8.51 14.14 -17.03
C ASP A 42 7.59 13.45 -18.02
N ASP A 43 7.12 12.24 -17.71
CA ASP A 43 6.33 11.47 -18.65
C ASP A 43 4.86 11.32 -18.25
N TYR A 44 4.50 11.63 -17.00
CA TYR A 44 3.16 11.39 -16.51
C TYR A 44 2.71 12.53 -15.62
N ARG A 45 1.40 12.75 -15.57
CA ARG A 45 0.79 13.47 -14.47
C ARG A 45 0.78 12.56 -13.26
N VAL A 46 1.39 12.98 -12.16
CA VAL A 46 1.59 12.14 -10.97
C VAL A 46 0.67 12.63 -9.87
N VAL A 47 -0.11 11.72 -9.31
CA VAL A 47 -1.04 12.02 -8.22
C VAL A 47 -0.58 11.25 -6.98
N LEU A 48 -0.36 11.98 -5.89
CA LEU A 48 -0.06 11.41 -4.58
C LEU A 48 -1.19 11.72 -3.62
N TYR A 49 -1.46 10.80 -2.70
CA TYR A 49 -2.46 11.05 -1.67
C TYR A 49 -2.15 10.19 -0.45
N ASP A 50 -2.69 10.61 0.68
CA ASP A 50 -2.53 9.88 1.93
C ASP A 50 -3.83 9.16 2.26
N ASN A 51 -3.70 7.96 2.81
CA ASN A 51 -4.86 7.20 3.28
C ASN A 51 -5.38 7.84 4.55
N MET A 52 -6.69 7.81 4.71
CA MET A 52 -7.22 8.46 5.89
C MET A 52 -6.79 7.58 7.07
N GLY A 53 -6.40 8.21 8.17
CA GLY A 53 -5.80 7.54 9.30
C GLY A 53 -4.28 7.63 9.35
N ALA A 54 -3.64 7.92 8.23
CA ALA A 54 -2.21 8.25 8.31
C ALA A 54 -2.00 9.42 9.26
N GLY A 55 -0.82 9.47 9.89
CA GLY A 55 -0.54 10.53 10.85
C GLY A 55 -0.60 11.93 10.28
N THR A 56 -0.43 12.06 8.95
CA THR A 56 -0.53 13.34 8.27
C THR A 56 -1.97 13.78 8.03
N THR A 57 -2.96 12.97 8.43
CA THR A 57 -4.35 13.30 8.24
C THR A 57 -5.02 13.65 9.57
N ASN A 58 -6.17 14.32 9.48
CA ASN A 58 -6.86 14.79 10.68
C ASN A 58 -7.58 13.62 11.33
N PRO A 59 -7.25 13.26 12.58
CA PRO A 59 -7.92 12.12 13.21
C PRO A 59 -9.43 12.31 13.37
N ASP A 60 -9.90 13.55 13.35
CA ASP A 60 -11.34 13.80 13.44
C ASP A 60 -12.08 13.25 12.22
N TYR A 61 -11.39 13.07 11.09
CA TYR A 61 -11.99 12.49 9.90
C TYR A 61 -11.91 10.97 9.87
N PHE A 62 -11.26 10.33 10.85
CA PHE A 62 -11.18 8.87 10.83
C PHE A 62 -12.46 8.26 11.37
N ASP A 63 -13.23 7.67 10.47
CA ASP A 63 -14.52 7.08 10.76
C ASP A 63 -14.28 5.58 10.95
N PHE A 64 -14.38 5.11 12.20
CA PHE A 64 -14.05 3.71 12.48
C PHE A 64 -14.96 2.74 11.76
N ASP A 65 -16.23 3.10 11.48
CA ASP A 65 -17.10 2.24 10.69
C ASP A 65 -16.71 2.27 9.22
N ARG A 66 -16.43 3.46 8.66
CA ARG A 66 -16.07 3.53 7.25
C ARG A 66 -14.83 2.71 6.97
N TYR A 67 -13.85 2.72 7.88
CA TYR A 67 -12.57 2.06 7.67
C TYR A 67 -12.47 0.70 8.35
N SER A 68 -13.62 0.12 8.71
CA SER A 68 -13.65 -1.22 9.28
C SER A 68 -13.41 -2.32 8.25
N ASN A 69 -13.39 -1.97 6.97
CA ASN A 69 -12.98 -2.91 5.93
C ASN A 69 -12.24 -2.11 4.87
N LEU A 70 -11.61 -2.81 3.93
CA LEU A 70 -10.83 -2.10 2.94
C LEU A 70 -11.71 -1.31 1.96
N GLU A 71 -13.00 -1.65 1.89
CA GLU A 71 -13.89 -0.97 0.96
C GLU A 71 -13.95 0.53 1.25
N GLY A 72 -13.89 0.93 2.52
CA GLY A 72 -13.91 2.35 2.83
C GLY A 72 -12.77 3.09 2.15
N TYR A 73 -11.58 2.49 2.17
CA TYR A 73 -10.43 3.09 1.51
C TYR A 73 -10.59 3.10 -0.01
N SER A 74 -11.22 2.06 -0.57
N SER A 74 -11.23 2.07 -0.57
CA SER A 74 -11.40 2.05 -2.02
CA SER A 74 -11.42 2.04 -2.01
C SER A 74 -12.38 3.14 -2.47
C SER A 74 -12.38 3.14 -2.46
N PHE A 75 -13.40 3.42 -1.65
CA PHE A 75 -14.31 4.51 -1.96
C PHE A 75 -13.58 5.84 -1.93
N ASP A 76 -12.64 6.02 -0.99
CA ASP A 76 -11.84 7.23 -0.98
C ASP A 76 -11.02 7.37 -2.26
N LEU A 77 -10.41 6.27 -2.72
CA LEU A 77 -9.61 6.32 -3.94
C LEU A 77 -10.46 6.72 -5.14
N ILE A 78 -11.62 6.08 -5.31
CA ILE A 78 -12.50 6.45 -6.41
C ILE A 78 -12.91 7.92 -6.29
N ALA A 79 -13.18 8.39 -5.07
CA ALA A 79 -13.57 9.79 -4.88
C ALA A 79 -12.48 10.73 -5.33
N ILE A 80 -11.23 10.40 -5.03
CA ILE A 80 -10.13 11.27 -5.43
C ILE A 80 -10.01 11.29 -6.94
N LEU A 81 -10.08 10.11 -7.58
CA LEU A 81 -9.98 10.06 -9.03
C LEU A 81 -11.09 10.86 -9.68
N GLU A 82 -12.30 10.76 -9.16
N GLU A 82 -12.32 10.73 -9.17
CA GLU A 82 -13.43 11.49 -9.74
CA GLU A 82 -13.44 11.45 -9.74
C GLU A 82 -13.28 12.99 -9.52
C GLU A 82 -13.32 12.95 -9.51
N ASP A 83 -12.89 13.38 -8.31
N ASP A 83 -12.89 13.34 -8.31
CA ASP A 83 -12.69 14.79 -7.99
CA ASP A 83 -12.71 14.77 -8.04
C ASP A 83 -11.64 15.43 -8.91
C ASP A 83 -11.69 15.40 -8.97
N LEU A 84 -10.64 14.66 -9.32
CA LEU A 84 -9.60 15.16 -10.20
C LEU A 84 -9.95 14.97 -11.67
N LYS A 85 -11.12 14.39 -11.96
CA LYS A 85 -11.59 14.17 -13.33
C LYS A 85 -10.64 13.26 -14.12
N ILE A 86 -10.09 12.26 -13.43
CA ILE A 86 -9.19 11.29 -14.05
C ILE A 86 -10.04 10.18 -14.65
N GLU A 87 -9.94 10.00 -15.96
CA GLU A 87 -10.73 8.96 -16.60
C GLU A 87 -10.01 7.62 -16.64
N SER A 88 -8.68 7.62 -16.51
CA SER A 88 -7.90 6.41 -16.58
C SER A 88 -6.53 6.69 -15.96
N CYS A 89 -6.03 5.73 -15.16
CA CYS A 89 -4.71 5.87 -14.56
C CYS A 89 -4.02 4.52 -14.48
N ILE A 90 -2.69 4.58 -14.38
CA ILE A 90 -1.89 3.49 -13.83
C ILE A 90 -1.89 3.70 -12.33
N PHE A 91 -2.24 2.67 -11.58
CA PHE A 91 -2.28 2.77 -10.12
C PHE A 91 -1.14 1.94 -9.54
N VAL A 92 -0.29 2.58 -8.74
CA VAL A 92 0.80 1.89 -8.07
C VAL A 92 0.42 1.78 -6.60
N GLY A 93 0.20 0.55 -6.12
CA GLY A 93 -0.25 0.37 -4.76
C GLY A 93 0.76 -0.33 -3.88
N HIS A 94 1.20 0.35 -2.84
CA HIS A 94 2.12 -0.23 -1.88
C HIS A 94 1.34 -0.89 -0.75
N SER A 95 1.63 -2.17 -0.50
CA SER A 95 1.15 -2.90 0.67
C SER A 95 -0.37 -2.88 0.64
N VAL A 96 -1.06 -2.42 1.68
CA VAL A 96 -2.53 -2.47 1.67
C VAL A 96 -3.13 -1.73 0.46
N SER A 97 -2.45 -0.70 -0.03
CA SER A 97 -2.98 0.01 -1.20
C SER A 97 -3.08 -0.87 -2.44
N ALA A 98 -2.30 -1.95 -2.54
CA ALA A 98 -2.49 -2.85 -3.67
C ALA A 98 -3.88 -3.46 -3.65
N MET A 99 -4.32 -3.91 -2.47
CA MET A 99 -5.66 -4.48 -2.36
C MET A 99 -6.74 -3.42 -2.44
N ILE A 100 -6.49 -2.22 -1.90
CA ILE A 100 -7.44 -1.12 -2.04
C ILE A 100 -7.66 -0.79 -3.52
N GLY A 101 -6.59 -0.76 -4.30
CA GLY A 101 -6.72 -0.55 -5.74
C GLY A 101 -7.46 -1.68 -6.43
N VAL A 102 -7.16 -2.93 -6.06
CA VAL A 102 -7.87 -4.07 -6.62
C VAL A 102 -9.38 -3.92 -6.38
N LEU A 103 -9.75 -3.62 -5.13
N LEU A 103 -9.76 -3.62 -5.13
CA LEU A 103 -11.16 -3.48 -4.78
CA LEU A 103 -11.18 -3.50 -4.80
C LEU A 103 -11.81 -2.35 -5.57
C LEU A 103 -11.81 -2.35 -5.59
N ALA A 104 -11.12 -1.22 -5.68
CA ALA A 104 -11.65 -0.11 -6.46
C ALA A 104 -11.86 -0.52 -7.90
N SER A 105 -10.95 -1.35 -8.43
CA SER A 105 -11.05 -1.79 -9.83
C SER A 105 -12.18 -2.77 -10.07
N LEU A 106 -12.68 -3.44 -9.01
CA LEU A 106 -13.87 -4.25 -9.16
C LEU A 106 -15.09 -3.38 -9.42
N ASN A 107 -15.18 -2.25 -8.72
CA ASN A 107 -16.31 -1.35 -8.86
C ASN A 107 -16.21 -0.46 -10.10
N ARG A 108 -14.99 0.00 -10.43
CA ARG A 108 -14.77 0.91 -11.55
C ARG A 108 -13.52 0.48 -12.30
N PRO A 109 -13.58 -0.68 -12.98
CA PRO A 109 -12.42 -1.10 -13.76
C PRO A 109 -12.05 -0.12 -14.86
N ASP A 110 -13.01 0.70 -15.32
CA ASP A 110 -12.73 1.68 -16.35
C ASP A 110 -11.71 2.72 -15.92
N LEU A 111 -11.49 2.89 -14.61
CA LEU A 111 -10.62 3.94 -14.15
C LEU A 111 -9.16 3.52 -14.10
N PHE A 112 -8.85 2.24 -14.33
CA PHE A 112 -7.51 1.71 -14.16
C PHE A 112 -7.08 0.97 -15.43
N SER A 113 -5.94 1.37 -16.00
CA SER A 113 -5.38 0.62 -17.11
C SER A 113 -4.44 -0.49 -16.66
N LYS A 114 -3.89 -0.39 -15.46
CA LYS A 114 -2.86 -1.27 -14.94
C LYS A 114 -2.81 -1.01 -13.43
N ILE A 115 -2.56 -2.07 -12.67
CA ILE A 115 -2.21 -1.94 -11.25
C ILE A 115 -0.80 -2.52 -11.07
N VAL A 116 0.09 -1.73 -10.48
CA VAL A 116 1.42 -2.21 -10.11
C VAL A 116 1.45 -2.33 -8.59
N MET A 117 1.66 -3.54 -8.08
CA MET A 117 1.57 -3.86 -6.66
C MET A 117 3.00 -3.96 -6.12
N ILE A 118 3.26 -3.36 -4.97
N ILE A 118 3.23 -3.35 -4.96
CA ILE A 118 4.55 -3.52 -4.29
CA ILE A 118 4.49 -3.44 -4.23
C ILE A 118 4.25 -3.97 -2.87
C ILE A 118 4.16 -4.00 -2.85
N SER A 119 4.76 -5.15 -2.51
CA SER A 119 4.60 -5.71 -1.15
C SER A 119 3.15 -6.07 -0.83
N ALA A 120 2.40 -6.54 -1.83
CA ALA A 120 0.97 -6.86 -1.66
C ALA A 120 0.73 -8.24 -1.03
N SER A 121 -0.39 -8.35 -0.33
CA SER A 121 -0.84 -9.67 0.13
C SER A 121 -2.36 -9.65 0.25
N PRO A 122 -3.05 -10.68 -0.22
CA PRO A 122 -4.50 -10.77 -0.02
C PRO A 122 -4.91 -11.40 1.31
N ARG A 123 -3.96 -11.91 2.09
CA ARG A 123 -4.23 -12.64 3.32
C ARG A 123 -2.91 -12.87 4.05
N TYR A 124 -2.83 -12.40 5.30
CA TYR A 124 -1.63 -12.54 6.12
C TYR A 124 -1.67 -13.75 7.03
N VAL A 125 -2.86 -14.24 7.37
CA VAL A 125 -3.04 -15.33 8.33
C VAL A 125 -2.87 -16.66 7.61
N ASN A 126 -2.10 -17.56 8.21
CA ASN A 126 -1.93 -18.90 7.67
C ASN A 126 -3.17 -19.76 7.92
N ASP A 127 -3.44 -20.66 6.98
CA ASP A 127 -4.32 -21.79 7.24
C ASP A 127 -3.64 -23.05 6.73
N VAL A 128 -4.27 -24.20 6.91
CA VAL A 128 -3.62 -25.45 6.55
C VAL A 128 -3.26 -25.54 5.06
N ASP A 129 -3.89 -24.73 4.20
CA ASP A 129 -3.60 -24.77 2.77
C ASP A 129 -3.14 -23.42 2.24
N TYR A 130 -2.69 -22.51 3.10
CA TYR A 130 -2.30 -21.19 2.62
C TYR A 130 -1.29 -20.58 3.57
N GLN A 131 -0.13 -20.15 3.03
N GLN A 131 -0.15 -20.14 3.03
CA GLN A 131 0.89 -19.48 3.82
CA GLN A 131 0.89 -19.48 3.83
C GLN A 131 0.81 -17.98 3.58
C GLN A 131 0.82 -17.98 3.58
N GLY A 132 0.39 -17.24 4.60
CA GLY A 132 0.36 -15.78 4.57
C GLY A 132 1.47 -15.13 5.35
N GLY A 133 2.12 -15.89 6.24
CA GLY A 133 3.26 -15.38 7.00
C GLY A 133 3.03 -15.25 8.48
N PHE A 134 1.80 -15.36 8.97
CA PHE A 134 1.49 -15.10 10.37
C PHE A 134 0.51 -16.13 10.90
N GLU A 135 0.77 -16.61 12.10
CA GLU A 135 -0.24 -17.35 12.85
C GLU A 135 -1.04 -16.36 13.69
N GLN A 136 -2.32 -16.68 13.91
CA GLN A 136 -3.19 -15.77 14.63
C GLN A 136 -2.63 -15.39 16.00
N GLU A 137 -2.01 -16.34 16.70
CA GLU A 137 -1.46 -16.05 18.01
C GLU A 137 -0.39 -14.97 17.94
N ASP A 138 0.44 -14.98 16.88
N ASP A 138 0.38 -14.93 16.87
CA ASP A 138 1.42 -13.93 16.68
CA ASP A 138 1.40 -13.89 16.79
C ASP A 138 0.73 -12.58 16.54
C ASP A 138 0.81 -12.53 16.43
N LEU A 139 -0.27 -12.51 15.64
CA LEU A 139 -1.00 -11.26 15.45
C LEU A 139 -1.60 -10.77 16.76
N ASN A 140 -2.14 -11.68 17.57
CA ASN A 140 -2.69 -11.29 18.87
C ASN A 140 -1.65 -10.61 19.74
N GLN A 141 -0.43 -11.16 19.78
CA GLN A 141 0.63 -10.55 20.57
C GLN A 141 1.01 -9.18 20.01
N LEU A 142 0.98 -9.05 18.68
CA LEU A 142 1.28 -7.75 18.07
C LEU A 142 0.27 -6.70 18.51
N PHE A 143 -1.02 -7.03 18.44
CA PHE A 143 -2.05 -6.07 18.81
C PHE A 143 -1.93 -5.68 20.28
N GLU A 144 -1.55 -6.64 21.14
CA GLU A 144 -1.41 -6.34 22.56
C GLU A 144 -0.22 -5.41 22.81
N ALA A 145 0.86 -5.58 22.04
CA ALA A 145 1.99 -4.67 22.15
C ALA A 145 1.59 -3.26 21.73
N ILE A 146 0.82 -3.14 20.65
CA ILE A 146 0.35 -1.82 20.22
C ILE A 146 -0.47 -1.17 21.32
N ARG A 147 -1.38 -1.94 21.92
CA ARG A 147 -2.26 -1.40 22.95
C ARG A 147 -1.47 -1.00 24.20
N SER A 148 -0.46 -1.78 24.56
CA SER A 148 0.23 -1.62 25.83
C SER A 148 1.19 -0.44 25.84
N ASN A 149 2.00 -0.27 24.78
CA ASN A 149 2.95 0.83 24.73
C ASN A 149 3.25 1.08 23.26
N TYR A 150 2.53 2.04 22.68
CA TYR A 150 2.62 2.26 21.24
C TYR A 150 4.01 2.68 20.81
N LYS A 151 4.62 3.65 21.51
CA LYS A 151 5.98 4.09 21.17
C LYS A 151 6.96 2.92 21.19
N ALA A 152 6.92 2.10 22.24
CA ALA A 152 7.83 0.97 22.31
C ALA A 152 7.59 0.02 21.15
N TRP A 153 6.33 -0.20 20.79
CA TRP A 153 6.06 -1.08 19.66
C TRP A 153 6.61 -0.50 18.36
N CYS A 154 6.41 0.80 18.14
CA CYS A 154 6.94 1.44 16.94
C CYS A 154 8.45 1.28 16.83
N LEU A 155 9.17 1.48 17.95
CA LEU A 155 10.62 1.41 17.91
C LEU A 155 11.11 0.01 17.58
N GLY A 156 10.40 -1.02 18.04
CA GLY A 156 10.83 -2.38 17.75
C GLY A 156 10.37 -2.88 16.41
N PHE A 157 9.22 -2.40 15.94
CA PHE A 157 8.64 -2.91 14.71
C PHE A 157 9.26 -2.27 13.48
N ALA A 158 9.55 -0.98 13.54
CA ALA A 158 10.06 -0.28 12.35
C ALA A 158 11.29 -0.94 11.76
N PRO A 159 12.33 -1.31 12.53
CA PRO A 159 13.49 -1.94 11.89
C PRO A 159 13.15 -3.28 11.27
N LEU A 160 12.22 -4.02 11.87
CA LEU A 160 11.84 -5.31 11.32
C LEU A 160 11.08 -5.15 9.99
N ALA A 161 10.16 -4.19 9.94
CA ALA A 161 9.38 -3.95 8.73
C ALA A 161 10.25 -3.43 7.61
N VAL A 162 11.16 -2.49 7.90
CA VAL A 162 11.97 -1.87 6.85
C VAL A 162 13.11 -2.79 6.41
N GLY A 163 13.64 -3.60 7.33
CA GLY A 163 14.78 -4.44 7.01
C GLY A 163 16.05 -3.62 6.94
N GLY A 164 17.10 -4.28 6.43
CA GLY A 164 18.39 -3.62 6.31
C GLY A 164 18.99 -3.24 7.66
N ASP A 165 19.89 -2.27 7.60
CA ASP A 165 20.57 -1.78 8.81
C ASP A 165 19.58 -1.08 9.72
N MET A 166 19.57 -1.47 11.00
CA MET A 166 18.59 -0.95 11.94
C MET A 166 18.75 0.54 12.21
N ASP A 167 19.88 1.14 11.82
CA ASP A 167 20.14 2.55 12.05
C ASP A 167 19.95 3.40 10.80
N SER A 168 19.37 2.84 9.74
CA SER A 168 19.29 3.55 8.48
C SER A 168 18.29 4.70 8.54
N ILE A 169 18.43 5.61 7.57
CA ILE A 169 17.51 6.73 7.45
C ILE A 169 16.08 6.22 7.21
N ALA A 170 15.95 5.14 6.44
CA ALA A 170 14.61 4.63 6.15
C ALA A 170 13.94 4.08 7.41
N VAL A 171 14.70 3.37 8.26
CA VAL A 171 14.17 2.91 9.53
C VAL A 171 13.72 4.09 10.38
N GLN A 172 14.57 5.13 10.48
CA GLN A 172 14.19 6.32 11.24
C GLN A 172 12.91 6.94 10.69
N GLU A 173 12.80 7.04 9.37
CA GLU A 173 11.63 7.66 8.75
C GLU A 173 10.36 6.88 9.06
N PHE A 174 10.42 5.54 8.90
CA PHE A 174 9.24 4.73 9.14
C PHE A 174 8.89 4.70 10.63
N SER A 175 9.89 4.70 11.51
CA SER A 175 9.59 4.82 12.94
C SER A 175 8.80 6.10 13.22
N ARG A 176 9.18 7.19 12.55
N ARG A 176 9.23 7.20 12.60
CA ARG A 176 8.54 8.48 12.80
CA ARG A 176 8.52 8.46 12.82
C ARG A 176 7.12 8.52 12.24
C ARG A 176 7.10 8.40 12.29
N THR A 177 6.91 7.99 11.04
CA THR A 177 5.56 7.98 10.47
C THR A 177 4.66 7.01 11.22
N LEU A 178 5.21 5.87 11.65
N LEU A 178 5.22 5.89 11.68
CA LEU A 178 4.43 4.94 12.46
CA LEU A 178 4.42 4.93 12.42
C LEU A 178 3.91 5.62 13.70
C LEU A 178 3.94 5.52 13.74
N PHE A 179 4.82 6.26 14.44
CA PHE A 179 4.40 6.88 15.69
C PHE A 179 3.55 8.13 15.48
N ASN A 180 3.56 8.69 14.26
CA ASN A 180 2.67 9.82 13.95
C ASN A 180 1.20 9.44 13.98
N MET A 181 0.85 8.15 13.85
N MET A 181 0.87 8.14 13.92
CA MET A 181 -0.54 7.78 13.91
CA MET A 181 -0.52 7.71 13.92
C MET A 181 -1.05 7.89 15.34
C MET A 181 -1.08 7.75 15.33
N ARG A 182 -2.34 8.18 15.47
CA ARG A 182 -2.95 8.13 16.78
C ARG A 182 -3.04 6.66 17.21
N PRO A 183 -2.67 6.34 18.45
CA PRO A 183 -2.52 4.91 18.80
C PRO A 183 -3.78 4.10 18.62
N ASP A 184 -4.96 4.67 18.90
CA ASP A 184 -6.19 3.92 18.71
C ASP A 184 -6.47 3.65 17.24
N ILE A 185 -6.08 4.58 16.36
CA ILE A 185 -6.26 4.38 14.93
C ILE A 185 -5.30 3.33 14.42
N ALA A 186 -4.02 3.42 14.82
CA ALA A 186 -3.05 2.38 14.47
C ALA A 186 -3.54 0.99 14.86
N LEU A 187 -4.08 0.84 16.07
CA LEU A 187 -4.55 -0.46 16.51
C LEU A 187 -5.72 -0.95 15.66
N SER A 188 -6.71 -0.07 15.44
CA SER A 188 -7.89 -0.45 14.67
C SER A 188 -7.51 -0.80 13.25
N VAL A 189 -6.74 0.06 12.58
CA VAL A 189 -6.35 -0.20 11.20
C VAL A 189 -5.47 -1.44 11.11
N GLY A 190 -4.54 -1.61 12.05
CA GLY A 190 -3.71 -2.82 12.03
C GLY A 190 -4.53 -4.08 12.08
N GLN A 191 -5.56 -4.10 12.93
CA GLN A 191 -6.46 -5.26 12.98
C GLN A 191 -7.22 -5.43 11.66
N THR A 192 -7.78 -4.34 11.14
CA THR A 192 -8.52 -4.43 9.88
C THR A 192 -7.66 -5.00 8.76
N ILE A 193 -6.43 -4.53 8.64
CA ILE A 193 -5.57 -5.01 7.56
C ILE A 193 -5.10 -6.43 7.83
N PHE A 194 -4.58 -6.71 9.03
CA PHE A 194 -3.98 -8.02 9.26
C PHE A 194 -5.02 -9.13 9.26
N GLN A 195 -6.30 -8.82 9.53
CA GLN A 195 -7.35 -9.82 9.51
C GLN A 195 -8.10 -9.86 8.19
N SER A 196 -7.69 -9.05 7.20
CA SER A 196 -8.41 -8.97 5.94
C SER A 196 -8.29 -10.29 5.17
N ASP A 197 -9.22 -10.47 4.21
CA ASP A 197 -9.13 -11.61 3.32
C ASP A 197 -9.68 -11.19 1.96
N MET A 198 -8.77 -10.99 1.01
CA MET A 198 -9.11 -10.61 -0.35
C MET A 198 -8.98 -11.79 -1.31
N ARG A 199 -8.70 -12.99 -0.80
CA ARG A 199 -8.40 -14.10 -1.71
C ARG A 199 -9.59 -14.42 -2.61
N GLN A 200 -10.80 -14.34 -2.06
CA GLN A 200 -11.97 -14.84 -2.76
C GLN A 200 -12.40 -13.94 -3.92
N ILE A 201 -12.02 -12.66 -3.91
CA ILE A 201 -12.37 -11.77 -5.02
C ILE A 201 -11.34 -11.77 -6.14
N LEU A 202 -10.15 -12.35 -5.93
CA LEU A 202 -9.12 -12.28 -6.96
C LEU A 202 -9.58 -12.79 -8.32
N PRO A 203 -10.39 -13.86 -8.44
CA PRO A 203 -10.81 -14.29 -9.77
C PRO A 203 -11.59 -13.25 -10.55
N PHE A 204 -12.17 -12.25 -9.88
CA PHE A 204 -13.04 -11.28 -10.53
C PHE A 204 -12.28 -10.05 -11.02
N VAL A 205 -10.99 -9.94 -10.71
CA VAL A 205 -10.20 -8.81 -11.17
C VAL A 205 -10.00 -8.92 -12.67
N THR A 206 -10.15 -7.78 -13.37
CA THR A 206 -9.98 -7.75 -14.81
C THR A 206 -8.84 -6.84 -15.28
N VAL A 207 -8.43 -5.88 -14.48
CA VAL A 207 -7.35 -4.97 -14.83
C VAL A 207 -6.02 -5.69 -14.67
N PRO A 208 -5.10 -5.58 -15.63
CA PRO A 208 -3.84 -6.33 -15.51
C PRO A 208 -3.03 -5.86 -14.31
N CYS A 209 -2.35 -6.81 -13.68
CA CYS A 209 -1.61 -6.54 -12.45
C CYS A 209 -0.16 -6.98 -12.58
N HIS A 210 0.75 -6.13 -12.10
CA HIS A 210 2.16 -6.44 -11.97
C HIS A 210 2.46 -6.60 -10.49
N ILE A 211 3.01 -7.74 -10.10
CA ILE A 211 3.11 -8.13 -8.69
C ILE A 211 4.60 -8.10 -8.34
N LEU A 212 5.03 -7.08 -7.58
CA LEU A 212 6.44 -6.89 -7.23
C LEU A 212 6.61 -6.98 -5.71
N GLN A 213 7.71 -7.60 -5.26
CA GLN A 213 7.98 -7.65 -3.83
C GLN A 213 9.46 -7.91 -3.60
N SER A 214 9.96 -7.49 -2.45
CA SER A 214 11.27 -7.93 -1.97
C SER A 214 11.28 -9.43 -1.73
N VAL A 215 12.42 -10.06 -2.02
CA VAL A 215 12.57 -11.48 -1.70
C VAL A 215 12.53 -11.74 -0.20
N LYS A 216 12.94 -10.75 0.61
CA LYS A 216 12.86 -10.86 2.07
C LYS A 216 11.92 -9.75 2.53
N ASP A 217 10.71 -10.12 2.94
CA ASP A 217 9.69 -9.15 3.35
C ASP A 217 9.00 -9.74 4.58
N LEU A 218 9.06 -8.99 5.70
CA LEU A 218 8.53 -9.44 6.97
C LEU A 218 7.08 -9.91 6.87
N ALA A 219 6.28 -9.27 6.03
CA ALA A 219 4.86 -9.53 6.00
C ALA A 219 4.38 -10.21 4.72
N VAL A 220 5.27 -10.55 3.80
CA VAL A 220 4.87 -11.12 2.52
C VAL A 220 5.83 -12.24 2.12
N PRO A 221 5.54 -13.49 2.50
CA PRO A 221 6.30 -14.62 1.95
C PRO A 221 6.22 -14.61 0.43
N VAL A 222 7.29 -15.08 -0.21
CA VAL A 222 7.35 -15.05 -1.67
C VAL A 222 6.20 -15.86 -2.29
N VAL A 223 5.78 -16.96 -1.64
CA VAL A 223 4.66 -17.74 -2.15
C VAL A 223 3.40 -16.90 -2.32
N VAL A 224 3.26 -15.79 -1.59
CA VAL A 224 2.08 -14.94 -1.75
C VAL A 224 2.04 -14.32 -3.13
N SER A 225 3.19 -13.85 -3.64
N SER A 225 3.20 -13.91 -3.67
CA SER A 225 3.24 -13.36 -5.02
CA SER A 225 3.23 -13.36 -5.02
C SER A 225 2.73 -14.44 -5.98
C SER A 225 2.89 -14.40 -6.08
N GLU A 226 3.21 -15.68 -5.82
CA GLU A 226 2.78 -16.75 -6.72
C GLU A 226 1.29 -17.02 -6.55
N TYR A 227 0.78 -16.92 -5.32
CA TYR A 227 -0.65 -17.09 -5.10
C TYR A 227 -1.45 -16.02 -5.85
N LEU A 228 -1.04 -14.76 -5.74
CA LEU A 228 -1.74 -13.70 -6.45
C LEU A 228 -1.75 -13.97 -7.96
N HIS A 229 -0.59 -14.35 -8.49
CA HIS A 229 -0.47 -14.62 -9.92
C HIS A 229 -1.37 -15.78 -10.35
N ALA A 230 -1.45 -16.83 -9.53
CA ALA A 230 -2.23 -18.01 -9.92
C ALA A 230 -3.73 -17.75 -9.84
N ASN A 231 -4.16 -16.87 -8.93
CA ASN A 231 -5.59 -16.75 -8.64
C ASN A 231 -6.25 -15.49 -9.18
N LEU A 232 -5.48 -14.45 -9.51
CA LEU A 232 -6.05 -13.28 -10.17
C LEU A 232 -6.65 -13.66 -11.52
N GLY A 233 -7.84 -13.13 -11.80
CA GLY A 233 -8.50 -13.45 -13.06
C GLY A 233 -8.02 -12.67 -14.25
N CYS A 234 -7.22 -11.64 -14.00
CA CYS A 234 -6.63 -10.79 -15.02
C CYS A 234 -5.30 -11.34 -15.48
N GLU A 235 -4.77 -10.75 -16.55
CA GLU A 235 -3.38 -11.00 -16.92
C GLU A 235 -2.48 -10.43 -15.82
N SER A 236 -1.46 -11.19 -15.45
CA SER A 236 -0.54 -10.71 -14.44
C SER A 236 0.87 -11.21 -14.70
N VAL A 237 1.82 -10.55 -14.03
CA VAL A 237 3.22 -10.95 -14.07
C VAL A 237 3.79 -10.71 -12.68
N VAL A 238 4.77 -11.53 -12.30
CA VAL A 238 5.43 -11.43 -11.00
C VAL A 238 6.89 -11.09 -11.23
N GLU A 239 7.44 -10.21 -10.39
CA GLU A 239 8.88 -10.04 -10.33
C GLU A 239 9.30 -9.87 -8.88
N VAL A 240 10.05 -10.83 -8.36
CA VAL A 240 10.59 -10.73 -7.01
C VAL A 240 11.95 -10.04 -7.12
N ILE A 241 12.17 -9.04 -6.28
CA ILE A 241 13.35 -8.18 -6.35
C ILE A 241 14.39 -8.66 -5.35
N PRO A 242 15.69 -8.67 -5.70
CA PRO A 242 16.73 -9.01 -4.72
C PRO A 242 16.99 -7.86 -3.75
N SER A 243 15.97 -7.60 -2.93
CA SER A 243 15.98 -6.54 -1.93
C SER A 243 15.40 -7.08 -0.63
N ASP A 244 15.65 -6.33 0.44
CA ASP A 244 15.16 -6.60 1.78
C ASP A 244 14.20 -5.48 2.16
N GLY A 245 13.03 -5.86 2.66
CA GLY A 245 12.18 -4.89 3.30
C GLY A 245 10.79 -4.73 2.70
N HIS A 246 9.86 -4.30 3.55
CA HIS A 246 8.47 -4.13 3.14
C HIS A 246 8.23 -2.79 2.47
N LEU A 247 9.14 -1.83 2.61
CA LEU A 247 9.05 -0.52 1.94
C LEU A 247 10.29 -0.34 1.05
N PRO A 248 10.53 -1.28 0.13
CA PRO A 248 11.84 -1.30 -0.57
C PRO A 248 12.05 -0.13 -1.50
N GLN A 249 10.97 0.52 -1.97
CA GLN A 249 11.12 1.71 -2.79
C GLN A 249 11.68 2.87 -1.99
N LEU A 250 11.53 2.83 -0.66
CA LEU A 250 12.10 3.85 0.22
C LEU A 250 13.50 3.47 0.69
N SER A 251 13.69 2.20 1.05
CA SER A 251 14.93 1.81 1.73
C SER A 251 16.01 1.29 0.80
N SER A 252 15.67 0.74 -0.37
N SER A 252 15.64 0.79 -0.37
CA SER A 252 16.66 0.23 -1.32
CA SER A 252 16.61 0.22 -1.29
C SER A 252 16.37 0.74 -2.72
C SER A 252 16.35 0.73 -2.70
N PRO A 253 16.31 2.06 -2.92
CA PRO A 253 15.90 2.56 -4.24
C PRO A 253 16.79 2.16 -5.38
N ASP A 254 18.09 2.03 -5.17
CA ASP A 254 18.98 1.74 -6.29
C ASP A 254 18.62 0.42 -6.96
N SER A 255 18.26 -0.59 -6.17
CA SER A 255 17.88 -1.88 -6.75
C SER A 255 16.39 -1.97 -7.09
N VAL A 256 15.54 -1.18 -6.43
CA VAL A 256 14.10 -1.35 -6.53
C VAL A 256 13.46 -0.42 -7.55
N ILE A 257 13.86 0.85 -7.58
CA ILE A 257 13.24 1.80 -8.51
C ILE A 257 13.32 1.34 -9.96
N PRO A 258 14.45 0.81 -10.46
CA PRO A 258 14.46 0.39 -11.88
C PRO A 258 13.44 -0.68 -12.19
N VAL A 259 13.20 -1.60 -11.24
CA VAL A 259 12.19 -2.64 -11.47
C VAL A 259 10.80 -2.01 -11.56
N ILE A 260 10.44 -1.17 -10.59
CA ILE A 260 9.14 -0.53 -10.61
C ILE A 260 8.94 0.24 -11.91
N LEU A 261 9.97 0.99 -12.33
CA LEU A 261 9.85 1.76 -13.56
C LEU A 261 9.59 0.88 -14.76
N ARG A 262 10.26 -0.27 -14.85
CA ARG A 262 10.05 -1.16 -15.99
C ARG A 262 8.60 -1.64 -16.05
N HIS A 263 8.02 -1.96 -14.89
CA HIS A 263 6.65 -2.44 -14.88
C HIS A 263 5.63 -1.34 -15.13
N ILE A 264 5.91 -0.10 -14.71
CA ILE A 264 5.05 1.02 -15.06
C ILE A 264 5.10 1.29 -16.56
N ARG A 265 6.31 1.31 -17.13
CA ARG A 265 6.49 1.79 -18.49
C ARG A 265 6.17 0.74 -19.56
N ASN A 266 6.09 -0.54 -19.19
CA ASN A 266 5.94 -1.61 -20.16
C ASN A 266 4.73 -2.46 -19.81
N ASP A 267 3.96 -2.83 -20.84
CA ASP A 267 2.78 -3.64 -20.54
C ASP A 267 3.11 -5.12 -20.63
N ILE A 268 2.17 -5.93 -20.15
CA ILE A 268 2.32 -7.38 -20.22
C ILE A 268 1.94 -7.75 -21.64
C1 GOL B . -2.83 4.23 8.33
C1 GOL B . -3.19 4.20 8.08
O1 GOL B . -1.54 4.07 7.77
O1 GOL B . -3.84 4.03 9.29
C2 GOL B . -3.92 4.26 7.21
C2 GOL B . -4.29 4.23 7.02
O2 GOL B . -5.24 4.17 7.74
O2 GOL B . -5.55 4.03 7.57
C3 GOL B . -3.60 3.05 6.30
C3 GOL B . -3.91 3.12 6.03
O3 GOL B . -2.68 3.39 5.36
O3 GOL B . -2.66 3.44 5.54
C1 GOL C . -11.54 -7.75 3.00
O1 GOL C . -11.35 -8.51 4.18
C2 GOL C . -12.39 -6.49 3.38
O2 GOL C . -11.65 -5.65 4.23
C3 GOL C . -12.77 -5.82 2.03
O3 GOL C . -13.67 -4.72 2.31
C1 GOL D . 2.96 -4.71 7.65
O1 GOL D . 3.95 -3.72 7.59
C2 GOL D . 1.63 -4.03 7.24
O2 GOL D . 0.74 -3.96 8.29
C3 GOL D . 1.08 -4.92 6.10
O3 GOL D . -0.12 -4.34 5.69
C1 GOL E . 8.54 -5.49 -17.09
O1 GOL E . 9.88 -5.91 -17.30
C2 GOL E . 7.66 -6.43 -17.92
O2 GOL E . 7.91 -6.29 -19.28
C3 GOL E . 6.22 -6.05 -17.59
O3 GOL E . 5.46 -6.58 -18.62
C1 GOL F . -3.15 5.13 -18.58
O1 GOL F . -4.24 4.79 -17.79
C2 GOL F . -2.46 6.33 -17.88
O2 GOL F . -3.15 7.52 -18.08
C3 GOL F . -0.98 6.37 -18.39
O3 GOL F . -0.89 5.67 -19.60
C1 GOL G . -16.67 -5.07 -4.94
O1 GOL G . -16.80 -5.43 -3.59
C2 GOL G . -18.03 -5.34 -5.62
O2 GOL G . -19.02 -4.49 -5.12
C3 GOL G . -17.76 -5.13 -7.14
O3 GOL G . -18.37 -6.18 -7.83
C1 GOL H . -19.80 3.78 2.64
C1 GOL H . -17.77 2.26 2.31
O1 GOL H . -20.37 2.99 1.64
O1 GOL H . -17.52 0.89 2.48
C2 GOL H . -18.40 3.19 3.02
C2 GOL H . -18.93 2.62 3.27
O2 GOL H . -18.41 2.64 4.29
O2 GOL H . -18.47 2.97 4.53
C3 GOL H . -18.09 2.12 1.94
C3 GOL H . -19.67 3.78 2.58
O3 GOL H . -17.63 1.00 2.62
O3 GOL H . -20.51 3.21 1.62
S SO4 I . 15.32 6.54 -15.75
O1 SO4 I . 15.86 7.12 -16.98
O2 SO4 I . 16.35 6.50 -14.71
O3 SO4 I . 14.19 7.36 -15.30
O4 SO4 I . 14.86 5.18 -16.02
#